data_1CKS
#
_entry.id   1CKS
#
_cell.length_a   100.100
_cell.length_b   57.600
_cell.length_c   51.100
_cell.angle_alpha   90.00
_cell.angle_beta   117.40
_cell.angle_gamma   90.00
#
_symmetry.space_group_name_H-M   'C 1 2 1'
#
loop_
_entity.id
_entity.type
_entity.pdbx_description
1 polymer 'CYCLIN-DEPENDENT KINASE SUBUNIT, TYPE 2'
2 non-polymer 'SULFATE ION'
3 water water
#
_entity_poly.entity_id   1
_entity_poly.type   'polypeptide(L)'
_entity_poly.pdbx_seq_one_letter_code
;MAHKQIYYSDKYFDEHYEYRHVMLPRELSKQVPKTHLMSEEEWRRLGVQQSLGWVHYMIHEPEPHILLFRRPLPKDQQK
;
_entity_poly.pdbx_strand_id   A,B,C
#
# COMPACT_ATOMS: atom_id res chain seq x y z
N ALA A 2 -29.50 -2.05 6.45
CA ALA A 2 -30.01 -3.00 5.47
C ALA A 2 -29.19 -4.29 5.42
N HIS A 3 -29.14 -5.02 4.29
CA HIS A 3 -28.20 -6.15 4.14
C HIS A 3 -27.02 -5.65 3.33
N LYS A 4 -25.94 -5.21 4.00
CA LYS A 4 -24.75 -4.75 3.30
C LYS A 4 -23.55 -5.29 4.03
N GLN A 5 -22.75 -5.86 3.16
CA GLN A 5 -21.52 -6.44 3.61
C GLN A 5 -20.45 -5.37 3.73
N ILE A 6 -20.13 -4.94 4.94
CA ILE A 6 -19.00 -4.03 5.13
C ILE A 6 -17.86 -4.93 5.62
N TYR A 7 -16.66 -4.89 5.07
CA TYR A 7 -15.56 -5.69 5.60
C TYR A 7 -14.78 -4.87 6.65
N TYR A 8 -14.54 -5.32 7.87
CA TYR A 8 -13.79 -4.56 8.85
C TYR A 8 -12.39 -5.13 8.88
N SER A 9 -11.29 -4.48 8.47
CA SER A 9 -9.94 -5.07 8.58
C SER A 9 -9.52 -5.22 10.04
N ASP A 10 -8.44 -5.97 10.33
CA ASP A 10 -7.98 -5.99 11.71
C ASP A 10 -7.22 -4.69 12.00
N LYS A 11 -7.13 -4.36 13.26
CA LYS A 11 -6.47 -3.14 13.66
C LYS A 11 -4.93 -3.30 13.63
N TYR A 12 -4.22 -2.20 13.37
CA TYR A 12 -2.78 -2.11 13.52
C TYR A 12 -2.53 -0.76 14.25
N PHE A 13 -1.35 -0.50 14.78
CA PHE A 13 -1.06 0.67 15.60
C PHE A 13 0.38 1.05 15.40
N ASP A 14 0.69 2.30 15.67
CA ASP A 14 2.08 2.76 15.65
C ASP A 14 2.42 3.23 17.07
N GLU A 15 3.21 4.28 17.31
CA GLU A 15 3.57 4.68 18.66
C GLU A 15 2.48 5.51 19.34
N HIS A 16 1.54 6.10 18.60
CA HIS A 16 0.50 6.98 19.17
C HIS A 16 -0.97 6.67 18.84
N TYR A 17 -1.22 5.93 17.75
CA TYR A 17 -2.55 5.66 17.19
C TYR A 17 -2.73 4.21 16.83
N GLU A 18 -3.99 3.89 16.73
CA GLU A 18 -4.49 2.61 16.30
C GLU A 18 -5.24 2.98 15.01
N TYR A 19 -5.29 2.03 14.09
CA TYR A 19 -5.77 2.26 12.73
C TYR A 19 -6.68 1.11 12.29
N ARG A 20 -7.64 1.33 11.37
CA ARG A 20 -8.41 0.21 10.82
C ARG A 20 -8.87 0.66 9.45
N HIS A 21 -9.02 -0.26 8.51
CA HIS A 21 -9.54 0.01 7.19
C HIS A 21 -10.96 -0.56 7.14
N VAL A 22 -11.93 -0.02 6.40
CA VAL A 22 -13.28 -0.55 6.31
C VAL A 22 -13.51 -0.65 4.82
N MET A 23 -13.98 -1.79 4.32
CA MET A 23 -14.23 -2.01 2.89
C MET A 23 -15.70 -1.84 2.64
N LEU A 24 -16.12 -0.94 1.77
CA LEU A 24 -17.53 -0.72 1.50
C LEU A 24 -17.93 -1.35 0.17
N PRO A 25 -19.11 -1.99 0.00
CA PRO A 25 -19.69 -2.26 -1.30
C PRO A 25 -19.81 -0.99 -2.14
N ARG A 26 -19.56 -1.20 -3.43
CA ARG A 26 -19.67 -0.22 -4.51
C ARG A 26 -20.83 0.79 -4.40
N GLU A 27 -22.00 0.29 -4.02
CA GLU A 27 -23.17 1.15 -3.89
C GLU A 27 -23.16 2.06 -2.69
N LEU A 28 -22.76 1.55 -1.53
CA LEU A 28 -22.67 2.35 -0.36
C LEU A 28 -21.51 3.34 -0.54
N SER A 29 -20.53 3.02 -1.40
CA SER A 29 -19.40 3.90 -1.71
C SER A 29 -19.87 5.20 -2.32
N LYS A 30 -20.92 5.11 -3.13
CA LYS A 30 -21.46 6.29 -3.77
C LYS A 30 -21.96 7.32 -2.79
N GLN A 31 -22.41 6.89 -1.62
CA GLN A 31 -22.91 7.75 -0.55
C GLN A 31 -21.83 8.42 0.36
N VAL A 32 -20.52 8.15 0.20
CA VAL A 32 -19.50 8.78 1.04
C VAL A 32 -19.25 10.20 0.51
N PRO A 33 -19.27 11.28 1.35
CA PRO A 33 -18.86 12.62 0.96
C PRO A 33 -17.52 12.62 0.24
N LYS A 34 -17.46 13.39 -0.82
CA LYS A 34 -16.24 13.54 -1.60
C LYS A 34 -15.37 14.73 -1.15
N THR A 35 -16.01 15.72 -0.53
CA THR A 35 -15.43 17.02 -0.19
C THR A 35 -14.86 17.13 1.20
N HIS A 36 -15.13 16.17 2.08
CA HIS A 36 -14.74 16.35 3.45
C HIS A 36 -14.80 14.98 4.06
N LEU A 37 -14.16 14.85 5.22
CA LEU A 37 -14.16 13.60 5.97
C LEU A 37 -15.47 13.46 6.74
N MET A 38 -15.82 12.26 7.20
CA MET A 38 -17.09 12.06 7.84
C MET A 38 -17.01 12.21 9.35
N SER A 39 -18.05 12.80 9.94
CA SER A 39 -18.17 12.97 11.39
C SER A 39 -18.63 11.64 11.93
N GLU A 40 -18.62 11.42 13.24
CA GLU A 40 -19.10 10.15 13.75
C GLU A 40 -20.58 9.90 13.45
N GLU A 41 -21.47 10.87 13.48
CA GLU A 41 -22.86 10.62 13.12
C GLU A 41 -22.96 10.27 11.63
N GLU A 42 -22.19 10.87 10.72
CA GLU A 42 -22.20 10.54 9.30
C GLU A 42 -21.83 9.10 8.97
N TRP A 43 -20.73 8.57 9.53
CA TRP A 43 -20.40 7.19 9.24
C TRP A 43 -21.31 6.30 10.08
N ARG A 44 -21.87 6.62 11.26
CA ARG A 44 -22.88 5.76 11.89
C ARG A 44 -24.20 5.68 11.08
N ARG A 45 -24.62 6.75 10.38
CA ARG A 45 -25.80 6.74 9.54
C ARG A 45 -25.57 5.89 8.32
N LEU A 46 -24.30 5.68 7.90
CA LEU A 46 -23.97 4.90 6.72
C LEU A 46 -24.07 3.39 6.97
N GLY A 47 -24.01 2.96 8.22
CA GLY A 47 -24.03 1.57 8.53
C GLY A 47 -22.67 1.09 9.05
N VAL A 48 -21.63 1.90 9.35
CA VAL A 48 -20.34 1.40 9.83
C VAL A 48 -20.50 1.14 11.32
N GLN A 49 -20.33 -0.09 11.79
CA GLN A 49 -20.59 -0.44 13.17
C GLN A 49 -19.32 -0.84 13.84
N GLN A 50 -18.73 0.20 14.44
CA GLN A 50 -17.48 0.12 15.18
C GLN A 50 -17.59 1.03 16.39
N SER A 51 -16.72 0.84 17.38
CA SER A 51 -16.71 1.63 18.60
C SER A 51 -16.62 3.12 18.43
N LEU A 52 -17.00 3.83 19.46
CA LEU A 52 -16.98 5.27 19.33
C LEU A 52 -15.53 5.69 19.48
N GLY A 53 -15.16 6.88 19.01
CA GLY A 53 -13.78 7.29 19.17
C GLY A 53 -13.04 7.14 17.87
N TRP A 54 -13.42 6.23 16.96
CA TRP A 54 -12.76 6.06 15.69
C TRP A 54 -12.98 7.27 14.83
N VAL A 55 -11.95 7.86 14.21
CA VAL A 55 -12.09 9.06 13.44
C VAL A 55 -11.83 8.74 11.98
N HIS A 56 -12.68 9.15 11.04
CA HIS A 56 -12.43 9.04 9.61
C HIS A 56 -11.32 10.04 9.31
N TYR A 57 -10.04 9.65 9.14
CA TYR A 57 -9.02 10.67 8.98
C TYR A 57 -8.43 10.88 7.62
N MET A 58 -8.70 9.98 6.69
CA MET A 58 -8.08 10.11 5.39
C MET A 58 -8.94 9.50 4.33
N ILE A 59 -8.90 10.12 3.16
CA ILE A 59 -9.47 9.59 1.92
C ILE A 59 -8.42 8.60 1.34
N HIS A 60 -8.78 7.37 1.01
CA HIS A 60 -7.83 6.40 0.46
C HIS A 60 -7.34 6.80 -0.93
N GLU A 61 -6.05 6.54 -1.15
CA GLU A 61 -5.35 6.71 -2.43
C GLU A 61 -6.26 6.19 -3.55
N PRO A 62 -6.68 6.94 -4.57
CA PRO A 62 -7.54 6.42 -5.64
C PRO A 62 -6.66 5.65 -6.62
N GLU A 63 -6.82 4.30 -6.72
CA GLU A 63 -6.00 3.51 -7.65
C GLU A 63 -6.46 3.85 -9.07
N PRO A 64 -5.53 4.06 -10.01
CA PRO A 64 -5.83 4.21 -11.41
C PRO A 64 -6.70 3.15 -12.03
N HIS A 65 -7.16 3.57 -13.18
CA HIS A 65 -8.04 2.74 -13.95
C HIS A 65 -7.09 2.07 -14.94
N ILE A 66 -6.84 0.77 -14.75
CA ILE A 66 -5.89 -0.02 -15.53
C ILE A 66 -6.50 -0.90 -16.61
N LEU A 67 -6.01 -0.79 -17.87
CA LEU A 67 -6.39 -1.65 -19.00
C LEU A 67 -5.21 -2.60 -19.15
N LEU A 68 -5.60 -3.86 -19.26
CA LEU A 68 -4.73 -5.01 -19.42
C LEU A 68 -4.63 -5.48 -20.87
N PHE A 69 -3.42 -5.48 -21.46
CA PHE A 69 -3.19 -5.91 -22.83
C PHE A 69 -2.18 -7.02 -22.91
N ARG A 70 -2.30 -7.96 -23.86
CA ARG A 70 -1.27 -8.96 -24.05
C ARG A 70 -1.15 -9.14 -25.54
N ARG A 71 0.00 -9.60 -26.03
CA ARG A 71 0.25 -9.83 -27.45
C ARG A 71 1.01 -11.13 -27.53
N PRO A 72 0.72 -12.14 -28.36
CA PRO A 72 1.52 -13.37 -28.41
C PRO A 72 2.95 -13.07 -28.89
N LEU A 73 3.94 -13.75 -28.31
CA LEU A 73 5.33 -13.63 -28.79
C LEU A 73 5.45 -14.32 -30.17
N PRO A 74 6.42 -14.04 -31.08
CA PRO A 74 6.56 -14.83 -32.27
C PRO A 74 7.09 -16.23 -31.94
N LYS A 75 6.67 -17.17 -32.78
CA LYS A 75 7.05 -18.59 -32.71
C LYS A 75 7.56 -19.11 -34.08
N ALA B 2 3.58 1.84 -27.65
CA ALA B 2 3.95 2.53 -26.41
C ALA B 2 3.94 4.05 -26.47
N HIS B 3 4.44 4.71 -25.41
CA HIS B 3 4.79 6.13 -25.39
C HIS B 3 5.54 6.52 -24.08
N LYS B 4 5.39 7.74 -23.54
CA LYS B 4 6.25 8.23 -22.48
C LYS B 4 5.68 9.53 -21.86
N GLN B 5 4.44 9.45 -21.45
CA GLN B 5 3.84 10.58 -20.76
C GLN B 5 3.94 10.35 -19.27
N ILE B 6 3.74 11.42 -18.55
CA ILE B 6 3.73 11.39 -17.11
C ILE B 6 2.26 11.22 -16.77
N TYR B 7 2.00 10.34 -15.83
CA TYR B 7 0.65 10.16 -15.37
C TYR B 7 0.45 10.89 -14.03
N TYR B 8 -0.61 11.68 -13.81
CA TYR B 8 -0.85 12.40 -12.56
C TYR B 8 -2.04 11.71 -11.92
N SER B 9 -1.92 11.15 -10.71
CA SER B 9 -3.05 10.54 -10.06
C SER B 9 -4.04 11.61 -9.57
N ASP B 10 -5.19 11.06 -9.16
CA ASP B 10 -6.21 11.85 -8.50
C ASP B 10 -5.74 12.16 -7.07
N LYS B 11 -6.08 13.37 -6.64
CA LYS B 11 -5.81 13.91 -5.34
C LYS B 11 -6.70 13.31 -4.30
N TYR B 12 -6.13 13.13 -3.12
CA TYR B 12 -6.87 12.66 -1.96
C TYR B 12 -6.34 13.47 -0.80
N PHE B 13 -6.86 13.35 0.42
CA PHE B 13 -6.47 14.25 1.49
C PHE B 13 -6.70 13.61 2.84
N ASP B 14 -6.12 14.18 3.87
CA ASP B 14 -6.44 13.71 5.20
C ASP B 14 -6.83 14.96 5.96
N GLU B 15 -6.73 14.99 7.27
CA GLU B 15 -7.05 16.19 8.03
C GLU B 15 -6.17 17.40 7.71
N HIS B 16 -4.95 17.23 7.17
CA HIS B 16 -4.00 18.31 7.02
C HIS B 16 -3.48 18.56 5.65
N TYR B 17 -3.43 17.54 4.80
CA TYR B 17 -2.79 17.69 3.48
C TYR B 17 -3.64 17.10 2.36
N GLU B 18 -3.33 17.63 1.19
CA GLU B 18 -3.69 17.10 -0.10
C GLU B 18 -2.48 16.24 -0.51
N TYR B 19 -2.71 15.15 -1.24
CA TYR B 19 -1.71 14.19 -1.66
C TYR B 19 -1.91 13.80 -3.12
N ARG B 20 -0.85 13.55 -3.88
CA ARG B 20 -1.01 12.94 -5.19
C ARG B 20 0.28 12.25 -5.54
N HIS B 21 0.19 11.26 -6.43
CA HIS B 21 1.32 10.47 -6.91
C HIS B 21 1.52 10.90 -8.33
N VAL B 22 2.74 10.87 -8.77
CA VAL B 22 3.02 11.12 -10.17
C VAL B 22 3.78 9.89 -10.66
N MET B 23 3.55 9.44 -11.88
CA MET B 23 4.25 8.28 -12.39
C MET B 23 5.05 8.66 -13.59
N LEU B 24 6.33 8.30 -13.45
CA LEU B 24 7.31 8.58 -14.47
C LEU B 24 7.58 7.35 -15.30
N PRO B 25 7.72 7.58 -16.60
CA PRO B 25 8.36 6.66 -17.53
C PRO B 25 9.78 6.31 -17.07
N ARG B 26 10.30 5.11 -17.31
CA ARG B 26 11.66 4.73 -16.87
C ARG B 26 12.82 5.65 -17.25
N GLU B 27 12.87 6.19 -18.46
CA GLU B 27 13.98 7.05 -18.84
C GLU B 27 14.06 8.32 -18.00
N LEU B 28 12.93 8.95 -17.71
CA LEU B 28 12.89 10.12 -16.85
C LEU B 28 13.11 9.69 -15.42
N SER B 29 12.67 8.53 -14.97
CA SER B 29 12.88 8.18 -13.59
C SER B 29 14.34 7.90 -13.29
N LYS B 30 15.18 7.85 -14.33
CA LYS B 30 16.62 7.68 -14.17
C LYS B 30 17.29 9.00 -13.85
N GLN B 31 16.59 10.14 -14.03
CA GLN B 31 17.11 11.47 -13.67
C GLN B 31 16.57 11.98 -12.32
N VAL B 32 15.91 11.15 -11.51
CA VAL B 32 15.44 11.54 -10.22
C VAL B 32 16.58 11.28 -9.22
N PRO B 33 16.97 12.28 -8.38
CA PRO B 33 17.96 12.14 -7.32
C PRO B 33 17.68 10.97 -6.41
N LYS B 34 18.74 10.25 -6.08
CA LYS B 34 18.56 9.13 -5.20
C LYS B 34 18.92 9.51 -3.77
N THR B 35 19.59 10.65 -3.56
CA THR B 35 20.16 10.96 -2.26
C THR B 35 19.47 12.08 -1.54
N HIS B 36 18.60 12.82 -2.22
CA HIS B 36 17.90 13.87 -1.54
C HIS B 36 16.54 14.06 -2.16
N LEU B 37 15.66 14.80 -1.45
CA LEU B 37 14.36 15.20 -2.00
C LEU B 37 14.58 16.37 -2.92
N MET B 38 13.67 16.52 -3.85
CA MET B 38 13.84 17.53 -4.87
C MET B 38 13.09 18.79 -4.48
N SER B 39 13.58 19.92 -4.93
CA SER B 39 12.89 21.18 -4.77
C SER B 39 11.94 21.31 -5.96
N GLU B 40 11.04 22.30 -5.89
CA GLU B 40 10.16 22.62 -6.99
C GLU B 40 10.93 22.91 -8.27
N GLU B 41 12.11 23.53 -8.28
CA GLU B 41 12.86 23.77 -9.50
C GLU B 41 13.34 22.46 -10.13
N GLU B 42 13.74 21.51 -9.32
CA GLU B 42 14.21 20.25 -9.82
C GLU B 42 13.10 19.35 -10.33
N TRP B 43 11.95 19.19 -9.67
CA TRP B 43 10.95 18.32 -10.24
C TRP B 43 10.28 19.03 -11.39
N ARG B 44 10.09 20.37 -11.47
CA ARG B 44 9.64 21.01 -12.69
C ARG B 44 10.58 20.79 -13.84
N ARG B 45 11.89 20.82 -13.64
CA ARG B 45 12.86 20.54 -14.69
C ARG B 45 12.68 19.13 -15.23
N LEU B 46 12.33 18.12 -14.42
CA LEU B 46 11.96 16.78 -14.91
C LEU B 46 10.69 16.80 -15.77
N GLY B 47 9.91 17.87 -15.75
CA GLY B 47 8.71 17.97 -16.54
C GLY B 47 7.40 17.75 -15.76
N VAL B 48 7.40 17.72 -14.42
CA VAL B 48 6.20 17.52 -13.64
C VAL B 48 5.53 18.87 -13.67
N GLN B 49 4.27 18.98 -14.13
CA GLN B 49 3.61 20.23 -14.23
C GLN B 49 2.53 20.15 -13.20
N GLN B 50 2.66 20.95 -12.16
CA GLN B 50 1.73 20.95 -11.02
C GLN B 50 1.55 22.37 -10.55
N SER B 51 0.56 22.76 -9.79
CA SER B 51 0.54 24.14 -9.37
C SER B 51 1.41 24.27 -8.12
N LEU B 52 1.49 25.54 -7.70
CA LEU B 52 2.32 26.05 -6.61
C LEU B 52 2.09 25.34 -5.32
N GLY B 53 3.18 24.93 -4.70
CA GLY B 53 3.08 24.48 -3.32
C GLY B 53 3.11 23.04 -3.10
N TRP B 54 3.11 22.20 -4.14
CA TRP B 54 3.26 20.75 -3.94
C TRP B 54 4.71 20.51 -3.52
N VAL B 55 4.94 19.67 -2.52
CA VAL B 55 6.26 19.38 -1.93
C VAL B 55 6.64 17.91 -2.18
N HIS B 56 7.82 17.64 -2.76
CA HIS B 56 8.33 16.27 -2.84
C HIS B 56 8.81 15.91 -1.40
N TYR B 57 8.02 15.13 -0.65
CA TYR B 57 8.24 14.89 0.76
C TYR B 57 8.75 13.53 1.19
N MET B 58 8.73 12.54 0.29
CA MET B 58 9.09 11.17 0.63
C MET B 58 9.41 10.48 -0.67
N ILE B 59 10.37 9.57 -0.50
CA ILE B 59 10.87 8.69 -1.53
C ILE B 59 9.96 7.49 -1.40
N HIS B 60 9.47 6.97 -2.53
CA HIS B 60 8.57 5.82 -2.49
C HIS B 60 9.44 4.63 -2.13
N GLU B 61 8.88 3.82 -1.26
CA GLU B 61 9.53 2.59 -0.89
C GLU B 61 9.87 1.71 -2.09
N PRO B 62 11.08 1.12 -2.16
CA PRO B 62 11.56 0.40 -3.33
C PRO B 62 10.89 -0.96 -3.37
N GLU B 63 10.40 -1.31 -4.55
CA GLU B 63 9.78 -2.61 -4.73
C GLU B 63 10.84 -3.69 -4.98
N PRO B 64 10.71 -4.89 -4.39
CA PRO B 64 11.61 -6.00 -4.63
C PRO B 64 11.57 -6.39 -6.11
N HIS B 65 12.57 -7.20 -6.47
CA HIS B 65 12.79 -7.65 -7.86
C HIS B 65 12.49 -9.13 -7.63
N ILE B 66 11.33 -9.44 -8.18
CA ILE B 66 10.70 -10.71 -7.93
C ILE B 66 10.88 -11.57 -9.14
N LEU B 67 11.31 -12.79 -8.90
CA LEU B 67 11.31 -13.75 -9.98
C LEU B 67 10.09 -14.68 -9.75
N LEU B 68 9.32 -15.02 -10.77
CA LEU B 68 8.21 -15.94 -10.61
C LEU B 68 8.56 -17.31 -11.18
N PHE B 69 8.34 -18.33 -10.35
CA PHE B 69 8.59 -19.74 -10.71
C PHE B 69 7.31 -20.55 -10.65
N ARG B 70 7.17 -21.50 -11.56
CA ARG B 70 6.00 -22.35 -11.67
C ARG B 70 6.48 -23.77 -11.89
N ARG B 71 5.79 -24.77 -11.39
CA ARG B 71 6.12 -26.10 -11.80
C ARG B 71 4.84 -26.90 -11.73
N PRO B 72 4.64 -27.88 -12.63
CA PRO B 72 3.49 -28.78 -12.64
C PRO B 72 3.28 -29.54 -11.36
N LEU B 73 2.01 -29.64 -10.93
CA LEU B 73 1.69 -30.49 -9.80
C LEU B 73 1.80 -31.93 -10.32
N PRO B 74 2.10 -32.91 -9.46
CA PRO B 74 1.88 -34.33 -9.71
C PRO B 74 0.45 -34.50 -10.16
N LYS B 75 0.25 -35.41 -11.09
CA LYS B 75 -1.03 -35.68 -11.72
C LYS B 75 -2.19 -35.86 -10.77
N ASP B 76 -1.92 -36.62 -9.73
CA ASP B 76 -2.90 -36.93 -8.75
C ASP B 76 -3.27 -35.78 -7.80
N GLN B 77 -2.60 -34.63 -7.95
CA GLN B 77 -2.94 -33.42 -7.21
C GLN B 77 -3.63 -32.43 -8.09
N GLN B 78 -3.68 -32.70 -9.41
CA GLN B 78 -4.36 -31.80 -10.34
C GLN B 78 -5.86 -32.04 -10.28
N LYS B 79 -6.55 -31.03 -10.74
CA LYS B 79 -7.99 -31.00 -10.73
C LYS B 79 -8.35 -30.54 -12.13
N ALA C 2 13.18 -24.51 -0.54
CA ALA C 2 14.06 -23.36 -0.33
C ALA C 2 13.82 -22.69 1.02
N HIS C 3 14.68 -21.91 1.72
CA HIS C 3 14.40 -21.54 3.13
C HIS C 3 14.91 -20.30 3.92
N LYS C 4 14.21 -20.11 5.07
CA LYS C 4 14.38 -19.14 6.20
C LYS C 4 15.32 -17.93 6.26
N GLN C 5 15.37 -17.26 5.15
CA GLN C 5 16.21 -16.09 5.07
C GLN C 5 15.36 -14.89 5.45
N ILE C 6 15.80 -14.11 6.45
CA ILE C 6 15.19 -12.81 6.75
C ILE C 6 15.67 -11.88 5.63
N TYR C 7 14.76 -11.11 5.04
CA TYR C 7 15.12 -10.25 3.94
C TYR C 7 15.08 -8.81 4.43
N TYR C 8 16.10 -8.02 4.14
CA TYR C 8 16.16 -6.62 4.50
C TYR C 8 15.98 -5.86 3.22
N SER C 9 14.96 -5.00 3.07
CA SER C 9 14.84 -4.20 1.88
C SER C 9 15.71 -2.93 1.88
N ASP C 10 15.82 -2.29 0.70
CA ASP C 10 16.57 -1.05 0.52
C ASP C 10 15.90 0.05 1.36
N LYS C 11 16.63 1.05 1.78
CA LYS C 11 16.06 2.11 2.56
C LYS C 11 15.41 3.17 1.69
N TYR C 12 14.45 3.88 2.30
CA TYR C 12 13.87 5.04 1.67
C TYR C 12 13.73 6.06 2.79
N PHE C 13 13.38 7.30 2.50
CA PHE C 13 13.36 8.34 3.52
C PHE C 13 12.36 9.43 3.18
N ASP C 14 12.08 10.20 4.21
CA ASP C 14 11.31 11.42 4.01
C ASP C 14 12.11 12.65 4.47
N GLU C 15 11.47 13.77 4.79
CA GLU C 15 12.13 14.95 5.31
C GLU C 15 12.85 14.71 6.64
N HIS C 16 12.51 13.73 7.47
CA HIS C 16 13.13 13.51 8.77
C HIS C 16 13.64 12.12 9.10
N TYR C 17 13.17 11.04 8.47
CA TYR C 17 13.51 9.68 8.85
C TYR C 17 13.91 8.88 7.65
N GLU C 18 14.62 7.80 7.96
CA GLU C 18 14.78 6.80 6.96
C GLU C 18 14.10 5.57 7.46
N TYR C 19 13.71 4.73 6.49
CA TYR C 19 12.81 3.61 6.80
C TYR C 19 13.27 2.41 6.09
N ARG C 20 12.89 1.26 6.62
CA ARG C 20 13.06 0.04 5.83
C ARG C 20 12.09 -1.04 6.28
N HIS C 21 11.82 -2.01 5.41
CA HIS C 21 10.98 -3.15 5.71
C HIS C 21 11.88 -4.35 5.91
N VAL C 22 11.49 -5.25 6.78
CA VAL C 22 12.19 -6.49 7.00
C VAL C 22 11.11 -7.55 6.74
N MET C 23 11.38 -8.56 5.90
CA MET C 23 10.47 -9.67 5.67
C MET C 23 10.90 -10.86 6.44
N LEU C 24 10.01 -11.43 7.21
CA LEU C 24 10.32 -12.60 8.00
C LEU C 24 9.75 -13.86 7.33
N PRO C 25 10.41 -15.00 7.40
CA PRO C 25 9.75 -16.29 7.19
C PRO C 25 8.53 -16.43 8.11
N ARG C 26 7.49 -17.01 7.54
CA ARG C 26 6.19 -17.18 8.17
C ARG C 26 6.33 -17.78 9.54
N GLU C 27 7.26 -18.72 9.63
CA GLU C 27 7.52 -19.44 10.85
C GLU C 27 7.83 -18.51 12.03
N LEU C 28 8.70 -17.56 11.71
CA LEU C 28 9.27 -16.61 12.64
C LEU C 28 8.28 -15.51 12.95
N SER C 29 7.43 -15.11 12.00
CA SER C 29 6.48 -14.10 12.32
C SER C 29 5.47 -14.56 13.35
N LYS C 30 5.41 -15.85 13.62
CA LYS C 30 4.53 -16.32 14.67
C LYS C 30 5.09 -15.90 16.03
N GLN C 31 6.37 -15.51 16.08
CA GLN C 31 7.01 -15.04 17.30
C GLN C 31 6.85 -13.54 17.59
N VAL C 32 6.40 -12.76 16.62
CA VAL C 32 6.26 -11.33 16.80
C VAL C 32 5.05 -11.05 17.72
N PRO C 33 5.21 -10.22 18.80
CA PRO C 33 4.15 -9.83 19.73
C PRO C 33 3.04 -9.15 18.97
N LYS C 34 1.80 -9.37 19.38
CA LYS C 34 0.72 -8.69 18.68
C LYS C 34 0.17 -7.49 19.38
N THR C 35 0.46 -7.35 20.66
CA THR C 35 -0.10 -6.30 21.49
C THR C 35 0.76 -5.10 21.74
N HIS C 36 2.01 -5.14 21.30
CA HIS C 36 2.90 -4.02 21.56
C HIS C 36 4.03 -4.06 20.57
N LEU C 37 4.65 -2.89 20.45
CA LEU C 37 5.85 -2.66 19.64
C LEU C 37 7.02 -3.26 20.41
N MET C 38 8.04 -3.66 19.66
CA MET C 38 9.17 -4.41 20.18
C MET C 38 10.36 -3.51 20.45
N SER C 39 11.00 -3.83 21.55
CA SER C 39 12.29 -3.27 21.88
C SER C 39 13.36 -3.89 20.97
N GLU C 40 14.54 -3.28 20.92
CA GLU C 40 15.65 -3.87 20.16
C GLU C 40 16.01 -5.23 20.72
N GLU C 41 15.90 -5.41 22.03
CA GLU C 41 16.20 -6.69 22.65
C GLU C 41 15.35 -7.82 22.08
N GLU C 42 14.06 -7.56 21.93
CA GLU C 42 13.13 -8.51 21.39
C GLU C 42 13.27 -8.70 19.91
N TRP C 43 13.46 -7.73 19.04
CA TRP C 43 13.59 -8.08 17.65
C TRP C 43 14.96 -8.69 17.35
N ARG C 44 16.00 -8.45 18.17
CA ARG C 44 17.28 -9.10 18.00
C ARG C 44 17.13 -10.57 18.35
N ARG C 45 16.32 -10.95 19.36
CA ARG C 45 16.02 -12.35 19.66
C ARG C 45 15.35 -13.09 18.51
N LEU C 46 14.70 -12.39 17.55
CA LEU C 46 14.09 -12.99 16.37
C LEU C 46 15.15 -13.28 15.32
N GLY C 47 16.30 -12.61 15.37
CA GLY C 47 17.34 -12.82 14.38
C GLY C 47 17.52 -11.61 13.51
N VAL C 48 16.79 -10.53 13.77
CA VAL C 48 16.89 -9.32 12.97
C VAL C 48 18.20 -8.66 13.41
N GLN C 49 19.06 -8.27 12.48
CA GLN C 49 20.36 -7.68 12.73
C GLN C 49 20.43 -6.43 11.88
N GLN C 50 20.61 -5.29 12.52
CA GLN C 50 20.55 -4.03 11.83
C GLN C 50 21.59 -3.18 12.48
N SER C 51 22.06 -2.10 11.90
CA SER C 51 22.95 -1.20 12.62
C SER C 51 22.21 -0.39 13.68
N LEU C 52 22.87 0.63 14.20
CA LEU C 52 22.41 1.44 15.33
C LEU C 52 21.19 2.34 15.13
N GLY C 53 20.29 2.35 16.10
CA GLY C 53 19.21 3.33 16.16
C GLY C 53 17.89 3.08 15.43
N TRP C 54 17.66 1.91 14.81
CA TRP C 54 16.42 1.60 14.10
C TRP C 54 15.37 1.28 15.13
N VAL C 55 14.16 1.77 14.94
CA VAL C 55 13.06 1.58 15.91
C VAL C 55 11.84 0.91 15.21
N HIS C 56 11.26 -0.13 15.83
CA HIS C 56 10.04 -0.79 15.40
C HIS C 56 8.94 0.21 15.86
N TYR C 57 8.48 0.98 14.88
CA TYR C 57 7.58 2.09 15.15
C TYR C 57 6.14 1.77 14.75
N MET C 58 5.82 0.76 13.95
CA MET C 58 4.45 0.55 13.46
C MET C 58 4.27 -0.89 13.12
N ILE C 59 3.08 -1.40 13.42
CA ILE C 59 2.68 -2.73 12.99
C ILE C 59 2.16 -2.59 11.54
N HIS C 60 2.53 -3.52 10.68
CA HIS C 60 2.06 -3.45 9.30
C HIS C 60 0.59 -3.91 9.27
N GLU C 61 -0.13 -3.33 8.36
CA GLU C 61 -1.54 -3.51 8.04
C GLU C 61 -1.65 -4.98 7.65
N PRO C 62 -2.33 -5.85 8.38
CA PRO C 62 -2.44 -7.27 8.05
C PRO C 62 -3.30 -7.38 6.81
N GLU C 63 -2.85 -8.29 5.97
CA GLU C 63 -3.48 -8.43 4.68
C GLU C 63 -4.68 -9.40 4.77
N PRO C 64 -5.82 -9.14 4.11
CA PRO C 64 -7.00 -10.00 4.13
C PRO C 64 -6.70 -11.38 3.55
N HIS C 65 -7.45 -12.34 4.04
CA HIS C 65 -7.35 -13.67 3.54
C HIS C 65 -8.42 -13.72 2.46
N ILE C 66 -7.91 -13.92 1.26
CA ILE C 66 -8.68 -13.88 0.07
C ILE C 66 -8.86 -15.28 -0.52
N LEU C 67 -10.11 -15.65 -0.88
CA LEU C 67 -10.43 -16.85 -1.65
C LEU C 67 -10.67 -16.45 -3.09
N LEU C 68 -10.23 -17.26 -4.05
CA LEU C 68 -10.36 -16.90 -5.46
C LEU C 68 -11.30 -17.93 -6.11
N PHE C 69 -12.31 -17.41 -6.83
CA PHE C 69 -13.29 -18.22 -7.56
C PHE C 69 -13.43 -17.67 -8.97
N ARG C 70 -13.73 -18.59 -9.88
CA ARG C 70 -14.02 -18.26 -11.24
C ARG C 70 -15.14 -19.19 -11.76
N ARG C 71 -15.83 -18.85 -12.84
CA ARG C 71 -16.78 -19.79 -13.44
C ARG C 71 -16.89 -19.42 -14.91
N PRO C 72 -17.17 -20.35 -15.85
CA PRO C 72 -17.29 -20.06 -17.27
C PRO C 72 -18.23 -18.92 -17.56
N LEU C 73 -17.89 -18.01 -18.47
CA LEU C 73 -18.85 -17.01 -18.87
C LEU C 73 -19.92 -17.77 -19.67
N PRO C 74 -21.15 -17.27 -19.88
CA PRO C 74 -22.08 -17.80 -20.88
C PRO C 74 -21.33 -17.81 -22.21
N LYS C 75 -21.53 -18.90 -22.91
CA LYS C 75 -20.94 -19.12 -24.20
C LYS C 75 -20.94 -17.96 -25.18
N ASP C 76 -22.03 -17.21 -25.35
CA ASP C 76 -22.05 -16.10 -26.29
C ASP C 76 -21.36 -14.86 -25.77
N GLN C 77 -20.97 -14.86 -24.51
CA GLN C 77 -20.16 -13.77 -23.96
C GLN C 77 -18.66 -14.02 -24.11
N GLN C 78 -18.30 -15.26 -24.45
CA GLN C 78 -16.92 -15.61 -24.61
C GLN C 78 -16.31 -15.11 -25.88
N LYS C 79 -14.98 -14.99 -25.92
CA LYS C 79 -14.28 -14.68 -27.14
C LYS C 79 -13.31 -15.86 -27.19
#